data_8C3N
#
_entry.id   8C3N
#
_cell.length_a   143.017
_cell.length_b   37.961
_cell.length_c   43.934
_cell.angle_alpha   90.000
_cell.angle_beta   90.000
_cell.angle_gamma   90.000
#
_symmetry.space_group_name_H-M   'P 21 21 2'
#
loop_
_entity.id
_entity.type
_entity.pdbx_description
1 polymer 'DNA repair and recombination protein RadA'
2 polymer 'Breast cancer type 2 susceptibility protein'
3 non-polymer "ADENOSINE-5'-DIPHOSPHATE"
4 non-polymer 'MAGNESIUM ION'
5 non-polymer 4,6-diethylpyrimidin-2-amine
6 water water
#
loop_
_entity_poly.entity_id
_entity_poly.type
_entity_poly.pdbx_seq_one_letter_code
_entity_poly.pdbx_strand_id
1 'polypeptide(L)'
;MATIGRISTGSKSLDKLLGGGIETQAITEVFGEFGSGKTQLAHTLAVMVQLPPEEGGLNGSAMYIDTENTFRPERLREIA
QNRGLDPDEVLDNVAYARAFNSNHQMQLLYQASAMMVESLNTDRPYKLLIVDSLTSHFRSEYIGRGALAERQQKLARFLR
MLHRLANEFDIAVFVTNQVQANGGHILAHSATLRVYLRKGKGGKRIARLIDAPHLPEGEAVFSITEKGIED
;
A
2 'polypeptide(L)' GCSGFSTASGKKLNVSTQACQKAVKLFSG B
#
loop_
_chem_comp.id
_chem_comp.type
_chem_comp.name
_chem_comp.formula
ADP non-polymer ADENOSINE-5'-DIPHOSPHATE 'C10 H15 N5 O10 P2'
MG non-polymer 'MAGNESIUM ION' 'Mg 2'
RF6 non-polymer 4,6-diethylpyrimidin-2-amine 'C8 H13 N3'
#
# COMPACT_ATOMS: atom_id res chain seq x y z
N GLY A 5 10.80 6.20 -9.35
CA GLY A 5 10.98 6.74 -7.99
C GLY A 5 11.00 5.64 -6.94
N ARG A 6 11.65 5.90 -5.80
CA ARG A 6 11.71 4.88 -4.72
C ARG A 6 11.23 5.50 -3.40
N ILE A 7 10.49 4.71 -2.61
CA ILE A 7 10.06 5.20 -1.27
C ILE A 7 10.81 4.40 -0.20
N SER A 8 11.44 5.09 0.73
CA SER A 8 12.15 4.41 1.84
C SER A 8 11.15 3.71 2.76
N THR A 9 11.54 2.55 3.29
CA THR A 9 10.69 1.81 4.26
C THR A 9 10.92 2.37 5.66
N GLY A 10 11.89 3.26 5.83
CA GLY A 10 12.24 3.76 7.18
C GLY A 10 13.47 3.03 7.70
N SER A 11 13.77 1.87 7.12
CA SER A 11 14.94 1.05 7.53
C SER A 11 16.01 1.08 6.45
N LYS A 12 17.21 1.54 6.81
CA LYS A 12 18.34 1.58 5.83
C LYS A 12 18.69 0.17 5.37
N SER A 13 18.62 -0.81 6.28
CA SER A 13 18.95 -2.22 5.94
C SER A 13 17.95 -2.78 4.91
N LEU A 14 16.66 -2.59 5.16
CA LEU A 14 15.61 -3.11 4.23
C LEU A 14 15.71 -2.35 2.90
N ASP A 15 15.95 -1.04 2.97
CA ASP A 15 16.10 -0.22 1.74
C ASP A 15 17.23 -0.79 0.87
N LYS A 16 18.35 -1.15 1.52
CA LYS A 16 19.51 -1.67 0.76
C LYS A 16 19.11 -2.98 0.07
N LEU A 17 18.38 -3.85 0.77
CA LEU A 17 17.91 -5.12 0.16
C LEU A 17 16.98 -4.81 -1.03
N LEU A 18 16.21 -3.72 -0.95
CA LEU A 18 15.20 -3.39 -2.00
C LEU A 18 15.80 -2.49 -3.09
N GLY A 19 17.09 -2.18 -3.01
CA GLY A 19 17.73 -1.32 -4.01
C GLY A 19 17.40 0.15 -3.83
N GLY A 20 17.04 0.56 -2.61
CA GLY A 20 16.74 1.98 -2.33
C GLY A 20 15.36 2.19 -1.74
N GLY A 21 14.48 1.20 -1.89
CA GLY A 21 13.10 1.30 -1.39
C GLY A 21 12.13 0.72 -2.40
N ILE A 22 10.83 0.91 -2.18
CA ILE A 22 9.82 0.30 -3.10
C ILE A 22 9.72 1.20 -4.34
N GLU A 23 9.52 0.60 -5.50
CA GLU A 23 9.56 1.37 -6.76
C GLU A 23 8.18 1.82 -7.26
N THR A 24 8.13 2.98 -7.90
CA THR A 24 6.88 3.40 -8.56
C THR A 24 6.76 2.57 -9.85
N GLN A 25 5.57 2.53 -10.46
CA GLN A 25 5.34 1.75 -11.70
C GLN A 25 5.60 0.26 -11.42
N ALA A 26 5.41 -0.16 -10.16
CA ALA A 26 5.65 -1.57 -9.79
C ALA A 26 4.75 -1.99 -8.63
N ILE A 27 4.50 -3.29 -8.52
CA ILE A 27 3.73 -3.82 -7.35
C ILE A 27 4.74 -4.53 -6.45
N THR A 28 4.88 -4.04 -5.22
CA THR A 28 5.74 -4.76 -4.23
C THR A 28 4.80 -5.53 -3.31
N GLU A 29 5.01 -6.84 -3.20
CA GLU A 29 4.13 -7.68 -2.35
C GLU A 29 4.91 -8.21 -1.15
N VAL A 30 4.47 -7.85 0.07
N VAL A 30 4.47 -7.84 0.06
CA VAL A 30 5.14 -8.36 1.29
CA VAL A 30 5.13 -8.38 1.29
C VAL A 30 4.25 -9.46 1.89
C VAL A 30 4.24 -9.47 1.87
N PHE A 31 4.81 -10.67 2.03
CA PHE A 31 4.03 -11.79 2.60
C PHE A 31 4.72 -12.28 3.87
N GLY A 32 3.92 -12.86 4.75
CA GLY A 32 4.46 -13.36 6.02
C GLY A 32 3.32 -13.71 6.96
N GLU A 33 3.62 -14.43 8.03
CA GLU A 33 2.58 -14.85 8.99
C GLU A 33 2.07 -13.65 9.77
N PHE A 34 0.92 -13.82 10.45
CA PHE A 34 0.39 -12.75 11.32
C PHE A 34 1.48 -12.31 12.29
N GLY A 35 1.65 -11.00 12.47
CA GLY A 35 2.63 -10.47 13.44
C GLY A 35 4.00 -10.23 12.83
N SER A 36 4.15 -10.36 11.51
CA SER A 36 5.49 -10.25 10.85
C SER A 36 5.84 -8.79 10.51
N GLY A 37 4.89 -7.85 10.63
CA GLY A 37 5.19 -6.43 10.38
C GLY A 37 4.62 -5.86 9.07
N LYS A 38 3.76 -6.61 8.38
CA LYS A 38 3.24 -6.17 7.06
C LYS A 38 2.46 -4.84 7.19
N THR A 39 1.54 -4.77 8.14
CA THR A 39 0.70 -3.56 8.33
C THR A 39 1.55 -2.38 8.85
N GLN A 40 2.51 -2.67 9.72
CA GLN A 40 3.39 -1.61 10.26
C GLN A 40 4.25 -1.02 9.13
N LEU A 41 4.71 -1.87 8.22
CA LEU A 41 5.50 -1.37 7.05
C LEU A 41 4.59 -0.50 6.17
N ALA A 42 3.34 -0.92 5.95
CA ALA A 42 2.39 -0.11 5.15
C ALA A 42 2.20 1.26 5.80
N HIS A 43 1.98 1.30 7.12
CA HIS A 43 1.76 2.58 7.83
C HIS A 43 2.98 3.48 7.69
N THR A 44 4.18 2.89 7.79
CA THR A 44 5.43 3.68 7.71
C THR A 44 5.57 4.27 6.30
N LEU A 45 5.33 3.46 5.26
CA LEU A 45 5.44 3.94 3.86
C LEU A 45 4.46 5.10 3.64
N ALA A 46 3.28 5.04 4.27
CA ALA A 46 2.24 6.09 4.07
C ALA A 46 2.76 7.44 4.58
N VAL A 47 3.69 7.41 5.53
CA VAL A 47 4.32 8.68 6.04
C VAL A 47 5.56 9.00 5.19
N MET A 48 6.42 8.01 4.94
CA MET A 48 7.70 8.26 4.22
C MET A 48 7.47 8.86 2.83
N VAL A 49 6.45 8.41 2.11
CA VAL A 49 6.20 8.90 0.72
C VAL A 49 6.03 10.42 0.72
N GLN A 50 5.62 11.00 1.85
CA GLN A 50 5.33 12.45 1.89
C GLN A 50 6.61 13.28 1.94
N LEU A 51 7.73 12.66 2.32
CA LEU A 51 9.01 13.40 2.49
C LEU A 51 9.63 13.71 1.13
N PRO A 52 10.58 14.66 1.04
CA PRO A 52 11.30 14.90 -0.21
C PRO A 52 12.24 13.73 -0.50
N PRO A 53 12.67 13.53 -1.77
CA PRO A 53 13.54 12.41 -2.13
C PRO A 53 14.82 12.30 -1.29
N GLU A 54 15.40 13.44 -0.90
CA GLU A 54 16.63 13.44 -0.07
C GLU A 54 16.34 12.76 1.28
N GLU A 55 15.07 12.72 1.68
CA GLU A 55 14.69 12.13 3.00
C GLU A 55 13.95 10.80 2.80
N GLY A 56 13.93 10.26 1.58
CA GLY A 56 13.34 8.93 1.35
C GLY A 56 11.93 8.93 0.78
N GLY A 57 11.40 10.09 0.42
CA GLY A 57 10.02 10.16 -0.08
C GLY A 57 9.92 10.64 -1.52
N LEU A 58 8.69 10.94 -1.96
CA LEU A 58 8.47 11.41 -3.34
C LEU A 58 7.55 12.65 -3.32
N ASN A 59 7.58 13.39 -2.21
CA ASN A 59 6.75 14.63 -2.09
C ASN A 59 5.31 14.27 -2.49
N GLY A 60 4.80 13.15 -1.99
CA GLY A 60 3.49 12.71 -2.47
C GLY A 60 2.46 12.40 -1.40
N SER A 61 1.30 11.94 -1.85
CA SER A 61 0.22 11.55 -0.92
C SER A 61 0.08 10.03 -0.97
N ALA A 62 -0.60 9.45 0.02
CA ALA A 62 -0.74 7.98 0.08
C ALA A 62 -2.20 7.58 0.06
N MET A 63 -2.50 6.44 -0.53
CA MET A 63 -3.87 5.89 -0.52
C MET A 63 -3.80 4.53 0.17
N TYR A 64 -4.70 4.24 1.11
CA TYR A 64 -4.61 2.99 1.90
C TYR A 64 -5.96 2.25 1.85
N ILE A 65 -5.99 1.10 1.21
CA ILE A 65 -7.23 0.26 1.21
C ILE A 65 -7.03 -0.82 2.29
N ASP A 66 -7.88 -0.81 3.31
CA ASP A 66 -7.75 -1.74 4.47
C ASP A 66 -8.84 -2.82 4.34
N THR A 67 -8.44 -4.08 4.31
CA THR A 67 -9.43 -5.19 4.23
C THR A 67 -9.50 -5.93 5.57
N GLU A 68 -8.66 -5.56 6.55
CA GLU A 68 -8.59 -6.35 7.81
C GLU A 68 -8.93 -5.50 9.03
N ASN A 69 -9.41 -4.28 8.83
CA ASN A 69 -9.80 -3.40 9.96
C ASN A 69 -8.59 -3.11 10.85
N THR A 70 -7.43 -2.85 10.26
CA THR A 70 -6.19 -2.65 11.06
C THR A 70 -5.53 -1.30 10.72
N PHE A 71 -6.23 -0.42 10.01
CA PHE A 71 -5.68 0.93 9.73
C PHE A 71 -5.83 1.80 10.98
N ARG A 72 -4.76 2.47 11.40
CA ARG A 72 -4.78 3.27 12.65
C ARG A 72 -4.23 4.67 12.38
N PRO A 73 -5.08 5.70 12.25
CA PRO A 73 -4.60 7.08 12.08
C PRO A 73 -3.69 7.51 13.23
N GLU A 74 -3.97 7.03 14.45
CA GLU A 74 -3.16 7.44 15.64
C GLU A 74 -1.73 6.90 15.47
N ARG A 75 -1.56 5.78 14.77
CA ARG A 75 -0.20 5.24 14.51
C ARG A 75 0.53 6.15 13.51
N LEU A 76 -0.17 6.65 12.49
CA LEU A 76 0.45 7.62 11.54
C LEU A 76 0.87 8.87 12.32
N ARG A 77 0.04 9.30 13.27
CA ARG A 77 0.37 10.50 14.08
C ARG A 77 1.66 10.25 14.87
N GLU A 78 1.76 9.07 15.47
CA GLU A 78 2.95 8.73 16.31
C GLU A 78 4.21 8.67 15.42
N ILE A 79 4.10 7.98 14.27
CA ILE A 79 5.25 7.88 13.33
C ILE A 79 5.67 9.30 12.90
N ALA A 80 4.69 10.14 12.54
CA ALA A 80 4.99 11.52 12.10
C ALA A 80 5.70 12.29 13.22
N GLN A 81 5.14 12.26 14.43
CA GLN A 81 5.70 13.03 15.57
C GLN A 81 7.13 12.55 15.85
N ASN A 82 7.37 11.23 15.80
CA ASN A 82 8.71 10.69 16.15
C ASN A 82 9.67 10.83 14.98
N ARG A 83 9.22 11.40 13.86
CA ARG A 83 10.13 11.68 12.72
C ARG A 83 10.22 13.19 12.52
N GLY A 84 9.66 13.97 13.45
CA GLY A 84 9.75 15.44 13.39
C GLY A 84 8.80 16.08 12.38
N LEU A 85 7.71 15.39 12.03
CA LEU A 85 6.76 15.91 11.02
C LEU A 85 5.48 16.38 11.72
N ASP A 86 4.76 17.31 11.08
CA ASP A 86 3.46 17.75 11.66
C ASP A 86 2.46 16.60 11.47
N PRO A 87 1.88 16.05 12.55
CA PRO A 87 0.97 14.91 12.44
C PRO A 87 -0.33 15.25 11.68
N ASP A 88 -0.86 16.46 11.89
CA ASP A 88 -2.13 16.86 11.23
C ASP A 88 -1.91 16.92 9.71
N GLU A 89 -0.78 17.45 9.27
CA GLU A 89 -0.47 17.51 7.81
C GLU A 89 -0.33 16.09 7.25
N VAL A 90 0.36 15.21 7.98
CA VAL A 90 0.59 13.82 7.50
C VAL A 90 -0.76 13.11 7.32
N LEU A 91 -1.67 13.27 8.27
CA LEU A 91 -3.01 12.61 8.20
C LEU A 91 -3.83 13.17 7.03
N ASP A 92 -3.65 14.46 6.72
CA ASP A 92 -4.40 15.09 5.61
C ASP A 92 -3.90 14.55 4.26
N ASN A 93 -2.71 13.95 4.24
CA ASN A 93 -2.10 13.48 2.97
C ASN A 93 -2.27 11.97 2.82
N VAL A 94 -3.08 11.35 3.67
CA VAL A 94 -3.37 9.89 3.53
C VAL A 94 -4.86 9.69 3.35
N ALA A 95 -5.27 9.11 2.23
CA ALA A 95 -6.69 8.77 2.01
C ALA A 95 -6.84 7.30 2.34
N TYR A 96 -7.85 6.95 3.13
N TYR A 96 -7.84 6.95 3.15
CA TYR A 96 -8.02 5.54 3.58
CA TYR A 96 -8.01 5.54 3.56
C TYR A 96 -9.45 5.07 3.33
C TYR A 96 -9.45 5.07 3.32
N ALA A 97 -9.62 3.78 3.04
CA ALA A 97 -10.98 3.22 2.82
C ALA A 97 -10.98 1.79 3.34
N ARG A 98 -11.99 1.43 4.12
CA ARG A 98 -12.11 0.01 4.52
C ARG A 98 -12.84 -0.70 3.38
N ALA A 99 -12.35 -1.88 2.98
CA ALA A 99 -13.07 -2.69 1.98
C ALA A 99 -13.75 -3.81 2.76
N PHE A 100 -15.07 -3.96 2.62
CA PHE A 100 -15.80 -4.95 3.44
C PHE A 100 -15.91 -6.30 2.72
N ASN A 101 -15.60 -6.32 1.41
CA ASN A 101 -15.65 -7.58 0.62
C ASN A 101 -14.83 -7.41 -0.67
N SER A 102 -14.66 -8.48 -1.45
CA SER A 102 -13.80 -8.42 -2.66
C SER A 102 -14.41 -7.51 -3.73
N ASN A 103 -15.74 -7.49 -3.86
CA ASN A 103 -16.39 -6.57 -4.84
C ASN A 103 -16.05 -5.13 -4.46
N HIS A 104 -16.23 -4.78 -3.18
CA HIS A 104 -15.94 -3.40 -2.71
C HIS A 104 -14.47 -3.05 -2.94
N GLN A 105 -13.57 -4.01 -2.69
CA GLN A 105 -12.11 -3.79 -2.86
C GLN A 105 -11.83 -3.34 -4.30
N MET A 106 -12.44 -4.01 -5.27
CA MET A 106 -12.22 -3.67 -6.70
C MET A 106 -12.89 -2.32 -7.01
N GLN A 107 -14.10 -2.10 -6.50
CA GLN A 107 -14.84 -0.84 -6.77
C GLN A 107 -14.01 0.36 -6.27
N LEU A 108 -13.32 0.20 -5.14
CA LEU A 108 -12.52 1.30 -4.55
C LEU A 108 -11.37 1.69 -5.49
N LEU A 109 -10.92 0.79 -6.36
CA LEU A 109 -9.85 1.15 -7.34
C LEU A 109 -10.37 2.18 -8.35
N TYR A 110 -11.65 2.09 -8.73
CA TYR A 110 -12.23 3.09 -9.66
C TYR A 110 -12.28 4.46 -8.96
N GLN A 111 -12.72 4.48 -7.71
CA GLN A 111 -12.73 5.75 -6.95
C GLN A 111 -11.30 6.24 -6.79
N ALA A 112 -10.36 5.33 -6.52
CA ALA A 112 -8.95 5.71 -6.37
C ALA A 112 -8.44 6.38 -7.64
N SER A 113 -8.74 5.79 -8.80
N SER A 113 -8.76 5.81 -8.80
CA SER A 113 -8.29 6.36 -10.09
CA SER A 113 -8.29 6.35 -10.09
C SER A 113 -8.81 7.80 -10.23
C SER A 113 -8.82 7.78 -10.29
N ALA A 114 -10.08 8.02 -9.91
CA ALA A 114 -10.66 9.39 -10.03
C ALA A 114 -9.92 10.36 -9.12
N MET A 115 -9.62 9.95 -7.89
CA MET A 115 -8.87 10.81 -6.95
C MET A 115 -7.45 11.06 -7.48
N MET A 116 -6.86 10.05 -8.11
CA MET A 116 -5.46 10.17 -8.61
C MET A 116 -5.39 11.21 -9.74
N VAL A 117 -6.36 11.17 -10.66
N VAL A 117 -6.38 11.18 -10.65
CA VAL A 117 -6.38 12.14 -11.81
CA VAL A 117 -6.37 12.13 -11.81
C VAL A 117 -6.50 13.56 -11.26
C VAL A 117 -6.52 13.56 -11.28
N GLU A 118 -7.36 13.74 -10.25
CA GLU A 118 -7.58 15.09 -9.67
C GLU A 118 -6.31 15.59 -8.97
N SER A 119 -5.55 14.67 -8.37
N SER A 119 -5.55 14.67 -8.37
CA SER A 119 -4.33 15.09 -7.60
CA SER A 119 -4.34 15.08 -7.61
C SER A 119 -3.17 15.44 -8.53
C SER A 119 -3.17 15.46 -8.54
N LEU A 120 -3.23 15.00 -9.79
CA LEU A 120 -2.16 15.35 -10.77
C LEU A 120 -2.15 16.88 -10.95
N THR A 122 -1.45 18.94 -8.96
CA THR A 122 -1.25 19.54 -7.62
C THR A 122 0.21 19.38 -7.20
N ASP A 123 0.60 19.95 -6.05
CA ASP A 123 2.01 19.88 -5.59
C ASP A 123 2.23 18.60 -4.75
N ARG A 124 1.17 17.83 -4.52
CA ARG A 124 1.31 16.57 -3.76
C ARG A 124 0.43 15.50 -4.40
N PRO A 125 0.81 14.97 -5.58
CA PRO A 125 0.04 13.92 -6.23
C PRO A 125 0.15 12.61 -5.43
N TYR A 126 -0.80 11.71 -5.64
CA TYR A 126 -0.67 10.38 -4.99
C TYR A 126 0.56 9.69 -5.59
N LYS A 127 1.38 9.09 -4.73
CA LYS A 127 2.60 8.39 -5.20
C LYS A 127 2.62 6.97 -4.62
N LEU A 128 1.64 6.65 -3.78
CA LEU A 128 1.63 5.32 -3.12
C LEU A 128 0.19 4.80 -2.96
N LEU A 129 -0.03 3.55 -3.35
CA LEU A 129 -1.35 2.90 -3.11
C LEU A 129 -1.06 1.61 -2.33
N ILE A 130 -1.68 1.49 -1.16
CA ILE A 130 -1.49 0.29 -0.30
C ILE A 130 -2.76 -0.56 -0.32
N VAL A 131 -2.62 -1.88 -0.47
CA VAL A 131 -3.78 -2.79 -0.31
C VAL A 131 -3.38 -3.79 0.79
N ASP A 132 -3.92 -3.60 1.99
CA ASP A 132 -3.59 -4.46 3.15
C ASP A 132 -4.91 -5.08 3.65
N SER A 133 -5.29 -6.25 3.16
CA SER A 133 -4.42 -7.22 2.43
C SER A 133 -5.01 -7.51 1.05
N LEU A 134 -4.17 -8.00 0.14
CA LEU A 134 -4.61 -8.30 -1.24
C LEU A 134 -5.57 -9.49 -1.27
N THR A 135 -5.39 -10.47 -0.39
CA THR A 135 -6.13 -11.75 -0.53
C THR A 135 -7.08 -12.13 0.62
N SER A 136 -7.17 -11.35 1.70
CA SER A 136 -7.99 -11.80 2.85
C SER A 136 -9.43 -12.08 2.44
N HIS A 137 -10.06 -11.19 1.67
CA HIS A 137 -11.48 -11.36 1.29
C HIS A 137 -11.64 -12.56 0.35
N PHE A 138 -10.72 -12.73 -0.59
CA PHE A 138 -10.79 -13.88 -1.53
C PHE A 138 -10.74 -15.18 -0.72
N ARG A 139 -9.87 -15.25 0.28
CA ARG A 139 -9.72 -16.49 1.08
C ARG A 139 -11.00 -16.79 1.85
N SER A 140 -11.62 -15.76 2.41
N SER A 140 -11.61 -15.76 2.42
CA SER A 140 -12.85 -15.95 3.23
CA SER A 140 -12.85 -15.95 3.23
C SER A 140 -14.06 -16.26 2.34
C SER A 140 -14.06 -16.26 2.34
N GLU A 141 -14.12 -15.64 1.15
CA GLU A 141 -15.30 -15.83 0.26
C GLU A 141 -15.28 -17.20 -0.43
N TYR A 142 -14.13 -17.86 -0.52
CA TYR A 142 -14.04 -19.14 -1.27
C TYR A 142 -13.73 -20.32 -0.34
N ILE A 143 -14.03 -20.17 0.95
CA ILE A 143 -13.87 -21.31 1.89
C ILE A 143 -14.76 -22.46 1.38
N GLY A 144 -14.20 -23.66 1.28
CA GLY A 144 -14.97 -24.82 0.78
C GLY A 144 -15.07 -24.83 -0.73
N ARG A 145 -14.54 -23.79 -1.39
CA ARG A 145 -14.63 -23.69 -2.87
C ARG A 145 -13.26 -23.28 -3.43
N GLY A 146 -12.18 -23.77 -2.85
CA GLY A 146 -10.83 -23.33 -3.25
C GLY A 146 -10.46 -23.68 -4.68
N ALA A 147 -11.11 -24.70 -5.26
CA ALA A 147 -10.76 -25.14 -6.63
C ALA A 147 -11.44 -24.26 -7.69
N LEU A 148 -12.35 -23.37 -7.28
CA LEU A 148 -13.11 -22.57 -8.28
C LEU A 148 -12.16 -21.61 -9.03
N ALA A 149 -12.20 -21.62 -10.36
CA ALA A 149 -11.35 -20.72 -11.16
C ALA A 149 -11.69 -19.25 -10.89
N GLU A 150 -12.93 -18.98 -10.47
CA GLU A 150 -13.39 -17.57 -10.27
C GLU A 150 -12.47 -16.84 -9.29
N ARG A 151 -12.04 -17.51 -8.22
CA ARG A 151 -11.19 -16.84 -7.20
C ARG A 151 -9.91 -16.32 -7.86
N GLN A 152 -9.22 -17.17 -8.61
CA GLN A 152 -7.96 -16.78 -9.28
C GLN A 152 -8.25 -15.71 -10.34
N GLN A 153 -9.37 -15.83 -11.04
CA GLN A 153 -9.71 -14.88 -12.12
C GLN A 153 -9.97 -13.49 -11.52
N LYS A 154 -10.68 -13.45 -10.39
CA LYS A 154 -10.97 -12.16 -9.73
C LYS A 154 -9.66 -11.52 -9.25
N LEU A 155 -8.76 -12.33 -8.69
CA LEU A 155 -7.47 -11.79 -8.19
C LEU A 155 -6.64 -11.29 -9.38
N ALA A 156 -6.66 -12.03 -10.48
CA ALA A 156 -5.93 -11.61 -11.70
C ALA A 156 -6.46 -10.24 -12.16
N ARG A 157 -7.78 -10.06 -12.20
CA ARG A 157 -8.35 -8.76 -12.63
C ARG A 157 -7.91 -7.64 -11.69
N PHE A 158 -7.88 -7.93 -10.39
CA PHE A 158 -7.50 -6.89 -9.40
C PHE A 158 -6.03 -6.48 -9.61
N LEU A 159 -5.15 -7.46 -9.78
CA LEU A 159 -3.72 -7.18 -10.01
C LEU A 159 -3.52 -6.42 -11.34
N ARG A 160 -4.27 -6.79 -12.37
CA ARG A 160 -4.18 -6.09 -13.68
C ARG A 160 -4.50 -4.60 -13.47
N MET A 161 -5.56 -4.32 -12.71
CA MET A 161 -5.95 -2.90 -12.45
C MET A 161 -4.84 -2.20 -11.65
N LEU A 162 -4.26 -2.89 -10.66
CA LEU A 162 -3.19 -2.28 -9.83
C LEU A 162 -2.00 -1.91 -10.72
N HIS A 163 -1.62 -2.80 -11.65
CA HIS A 163 -0.48 -2.53 -12.57
C HIS A 163 -0.83 -1.31 -13.42
N ARG A 164 -2.07 -1.25 -13.90
CA ARG A 164 -2.50 -0.10 -14.75
C ARG A 164 -2.36 1.22 -13.96
N LEU A 165 -2.80 1.23 -12.70
CA LEU A 165 -2.71 2.45 -11.86
C LEU A 165 -1.23 2.80 -11.63
N ALA A 166 -0.42 1.81 -11.29
CA ALA A 166 1.02 2.06 -11.03
C ALA A 166 1.66 2.74 -12.24
N ASN A 167 1.36 2.25 -13.44
CA ASN A 167 1.99 2.80 -14.67
C ASN A 167 1.37 4.15 -15.07
N GLU A 168 0.04 4.27 -15.05
CA GLU A 168 -0.62 5.51 -15.53
C GLU A 168 -0.29 6.70 -14.62
N PHE A 169 -0.19 6.47 -13.31
CA PHE A 169 -0.02 7.60 -12.37
C PHE A 169 1.41 7.66 -11.80
N ASP A 170 2.30 6.78 -12.25
CA ASP A 170 3.68 6.73 -11.71
C ASP A 170 3.58 6.60 -10.19
N ILE A 171 2.92 5.53 -9.72
N ILE A 171 2.95 5.51 -9.73
CA ILE A 171 2.75 5.34 -8.26
CA ILE A 171 2.73 5.34 -8.26
C ILE A 171 3.29 3.98 -7.84
C ILE A 171 3.28 3.98 -7.83
N ALA A 172 3.78 3.90 -6.60
CA ALA A 172 4.26 2.60 -6.09
C ALA A 172 3.03 1.89 -5.54
N VAL A 173 2.81 0.64 -5.94
CA VAL A 173 1.70 -0.15 -5.33
C VAL A 173 2.32 -1.11 -4.31
N PHE A 174 1.83 -1.08 -3.09
CA PHE A 174 2.36 -1.96 -2.01
C PHE A 174 1.20 -2.84 -1.52
N VAL A 175 1.36 -4.16 -1.61
CA VAL A 175 0.25 -5.06 -1.19
C VAL A 175 0.77 -6.05 -0.16
N THR A 176 -0.09 -6.48 0.73
CA THR A 176 0.30 -7.49 1.75
C THR A 176 -0.43 -8.80 1.48
N ASN A 177 0.16 -9.90 1.91
CA ASN A 177 -0.44 -11.23 1.70
C ASN A 177 -0.07 -12.10 2.90
N GLN A 178 -1.06 -12.79 3.49
CA GLN A 178 -0.77 -13.71 4.61
C GLN A 178 -0.76 -15.15 4.08
N ALA A 191 3.04 -9.51 -9.02
CA ALA A 191 3.99 -8.90 -8.07
C ALA A 191 5.31 -8.64 -8.78
N THR A 192 5.61 -7.37 -9.05
CA THR A 192 6.93 -7.03 -9.65
C THR A 192 7.98 -7.54 -8.66
N LEU A 193 7.72 -7.45 -7.36
CA LEU A 193 8.75 -7.85 -6.37
C LEU A 193 8.10 -8.45 -5.12
N ARG A 194 8.51 -9.67 -4.77
CA ARG A 194 7.95 -10.36 -3.57
C ARG A 194 8.96 -10.33 -2.42
N VAL A 195 8.51 -9.95 -1.23
CA VAL A 195 9.39 -9.88 -0.03
C VAL A 195 8.74 -10.73 1.06
N TYR A 196 9.51 -11.62 1.69
CA TYR A 196 8.99 -12.46 2.79
C TYR A 196 9.46 -11.92 4.13
N LEU A 197 8.53 -11.66 5.06
CA LEU A 197 8.91 -11.18 6.42
C LEU A 197 8.75 -12.35 7.40
N ARG A 198 9.68 -12.46 8.35
CA ARG A 198 9.53 -13.51 9.38
C ARG A 198 10.19 -13.07 10.68
N LYS A 199 10.08 -13.92 11.71
CA LYS A 199 10.71 -13.71 13.00
C LYS A 199 11.77 -14.80 13.24
N GLY A 200 12.96 -14.36 13.66
CA GLY A 200 14.03 -15.33 13.93
C GLY A 200 14.35 -15.38 15.41
N LYS A 201 15.58 -15.76 15.75
CA LYS A 201 16.00 -15.89 17.16
C LYS A 201 15.83 -14.54 17.87
N GLY A 202 15.32 -14.56 19.12
CA GLY A 202 15.24 -13.32 19.91
C GLY A 202 14.24 -12.32 19.36
N GLY A 203 13.31 -12.79 18.53
CA GLY A 203 12.29 -11.89 17.96
C GLY A 203 12.87 -11.01 16.88
N LYS A 204 14.05 -11.35 16.38
CA LYS A 204 14.66 -10.59 15.27
C LYS A 204 13.71 -10.62 14.08
N ARG A 205 13.39 -9.45 13.52
CA ARG A 205 12.50 -9.40 12.33
C ARG A 205 13.38 -9.45 11.09
N ILE A 206 13.06 -10.35 10.16
CA ILE A 206 13.96 -10.57 9.00
C ILE A 206 13.16 -10.49 7.69
N ALA A 207 13.71 -9.79 6.71
CA ALA A 207 13.09 -9.73 5.37
C ALA A 207 14.00 -10.40 4.35
N ARG A 208 13.44 -11.09 3.36
CA ARG A 208 14.26 -11.65 2.25
C ARG A 208 13.44 -11.57 0.97
N LEU A 209 14.11 -11.50 -0.18
CA LEU A 209 13.41 -11.43 -1.50
C LEU A 209 13.04 -12.84 -1.96
N ILE A 210 11.92 -12.97 -2.68
CA ILE A 210 11.46 -14.30 -3.16
C ILE A 210 11.36 -14.28 -4.70
N ASP A 211 11.88 -15.32 -5.36
CA ASP A 211 11.82 -15.46 -6.83
C ASP A 211 12.25 -14.17 -7.51
N ALA A 212 13.35 -13.62 -7.01
CA ALA A 212 13.87 -12.36 -7.58
C ALA A 212 15.29 -12.61 -8.08
N PRO A 213 15.43 -13.16 -9.30
CA PRO A 213 16.75 -13.45 -9.84
C PRO A 213 17.52 -12.14 -10.04
N HIS A 214 18.84 -12.19 -9.88
CA HIS A 214 19.69 -10.98 -10.13
C HIS A 214 19.42 -9.90 -9.08
N LEU A 215 18.69 -10.21 -8.01
CA LEU A 215 18.49 -9.23 -6.91
C LEU A 215 19.11 -9.83 -5.65
N PRO A 216 19.39 -9.04 -4.59
CA PRO A 216 20.09 -9.57 -3.40
C PRO A 216 19.42 -10.83 -2.85
N GLU A 217 20.24 -11.85 -2.54
CA GLU A 217 19.70 -13.15 -2.06
C GLU A 217 19.73 -13.18 -0.53
N GLY A 218 20.32 -12.18 0.10
CA GLY A 218 20.49 -12.21 1.56
C GLY A 218 19.27 -11.73 2.32
N GLU A 219 19.43 -11.62 3.64
CA GLU A 219 18.30 -11.19 4.50
C GLU A 219 18.61 -9.81 5.07
N ALA A 220 17.58 -9.08 5.49
CA ALA A 220 17.77 -7.76 6.12
C ALA A 220 17.04 -7.76 7.46
N VAL A 221 17.71 -7.32 8.52
CA VAL A 221 17.06 -7.23 9.86
C VAL A 221 16.46 -5.84 10.01
N PHE A 222 15.22 -5.77 10.51
CA PHE A 222 14.57 -4.46 10.74
C PHE A 222 13.89 -4.47 12.11
N SER A 223 13.47 -3.29 12.56
CA SER A 223 12.78 -3.17 13.86
C SER A 223 11.46 -2.42 13.70
N ILE A 224 10.53 -2.62 14.63
CA ILE A 224 9.27 -1.84 14.64
C ILE A 224 9.32 -1.01 15.92
N THR A 225 9.30 0.31 15.80
CA THR A 225 9.45 1.19 16.99
C THR A 225 8.41 2.30 16.97
N GLU A 226 8.64 3.35 17.78
CA GLU A 226 7.73 4.53 17.79
C GLU A 226 7.83 5.31 16.48
N LYS A 227 8.90 5.06 15.70
CA LYS A 227 9.07 5.73 14.38
C LYS A 227 8.53 4.84 13.27
N GLY A 228 7.91 3.72 13.63
CA GLY A 228 7.46 2.75 12.60
C GLY A 228 8.58 1.78 12.30
N ILE A 229 8.80 1.48 11.02
CA ILE A 229 9.92 0.60 10.63
C ILE A 229 11.23 1.40 10.69
N GLU A 230 12.26 0.83 11.31
CA GLU A 230 13.60 1.48 11.30
C GLU A 230 14.63 0.41 11.65
N ASP A 231 15.91 0.73 11.47
CA ASP A 231 16.99 -0.21 11.87
C ASP A 231 16.96 -0.35 13.40
N CYS B 2 -22.83 4.32 -0.51
CA CYS B 2 -21.47 4.76 -0.95
C CYS B 2 -20.44 4.71 0.18
N SER B 3 -19.64 3.65 0.22
CA SER B 3 -18.50 3.59 1.18
C SER B 3 -17.22 3.85 0.38
N GLY B 4 -16.60 5.01 0.59
CA GLY B 4 -15.41 5.35 -0.20
C GLY B 4 -14.24 5.70 0.68
N PHE B 5 -13.52 6.76 0.33
CA PHE B 5 -12.29 7.13 1.07
C PHE B 5 -12.50 8.34 1.97
N SER B 6 -11.68 8.43 3.01
CA SER B 6 -11.69 9.62 3.90
C SER B 6 -10.23 9.96 4.18
N THR B 7 -9.95 11.21 4.55
CA THR B 7 -8.57 11.52 5.00
C THR B 7 -8.38 10.74 6.30
N ALA B 8 -7.13 10.46 6.68
CA ALA B 8 -6.89 9.77 7.97
C ALA B 8 -7.37 10.66 9.14
N SER B 9 -7.53 11.97 8.90
CA SER B 9 -8.05 12.92 9.92
C SER B 9 -9.58 12.80 10.06
N GLY B 10 -10.24 12.04 9.18
CA GLY B 10 -11.69 11.78 9.35
C GLY B 10 -12.59 12.50 8.35
N LYS B 11 -12.01 13.20 7.37
CA LYS B 11 -12.83 14.00 6.42
C LYS B 11 -13.20 13.13 5.21
N LYS B 12 -14.49 12.92 5.00
CA LYS B 12 -14.95 12.09 3.85
C LYS B 12 -14.46 12.72 2.55
N LEU B 13 -13.91 11.90 1.65
CA LEU B 13 -13.42 12.40 0.34
C LEU B 13 -14.43 11.91 -0.71
N ASN B 14 -15.09 12.83 -1.40
CA ASN B 14 -16.18 12.40 -2.32
C ASN B 14 -15.73 12.38 -3.78
N VAL B 15 -16.30 11.45 -4.54
CA VAL B 15 -16.02 11.38 -6.01
C VAL B 15 -17.39 11.52 -6.68
N SER B 16 -17.52 12.47 -7.60
CA SER B 16 -18.83 12.71 -8.26
C SER B 16 -19.26 11.48 -9.06
N THR B 17 -20.56 11.34 -9.30
CA THR B 17 -21.04 10.21 -10.15
C THR B 17 -20.36 10.29 -11.52
N GLN B 18 -20.19 11.51 -12.05
CA GLN B 18 -19.57 11.69 -13.39
C GLN B 18 -18.09 11.27 -13.35
N ALA B 19 -17.35 11.72 -12.34
CA ALA B 19 -15.91 11.37 -12.22
C ALA B 19 -15.79 9.86 -12.06
N CYS B 20 -16.70 9.27 -11.27
CA CYS B 20 -16.71 7.80 -11.08
C CYS B 20 -16.89 7.11 -12.42
N GLN B 21 -17.91 7.54 -13.18
CA GLN B 21 -18.21 6.90 -14.49
C GLN B 21 -17.00 7.02 -15.42
N LYS B 22 -16.34 8.18 -15.42
CA LYS B 22 -15.18 8.40 -16.31
C LYS B 22 -14.07 7.39 -15.98
N ALA B 23 -13.82 7.17 -14.68
CA ALA B 23 -12.76 6.23 -14.25
C ALA B 23 -13.14 4.80 -14.69
N VAL B 24 -14.40 4.43 -14.46
CA VAL B 24 -14.87 3.08 -14.89
C VAL B 24 -14.67 2.96 -16.40
N LYS B 25 -15.07 3.98 -17.16
CA LYS B 25 -14.96 3.92 -18.64
C LYS B 25 -13.49 3.76 -19.03
N LEU B 26 -12.60 4.54 -18.41
CA LEU B 26 -11.16 4.51 -18.78
C LEU B 26 -10.49 3.20 -18.38
N PHE B 27 -10.96 2.54 -17.32
CA PHE B 27 -10.21 1.36 -16.81
C PHE B 27 -11.00 0.04 -16.81
N SER B 28 -12.30 0.05 -17.14
CA SER B 28 -13.11 -1.20 -17.07
C SER B 28 -12.84 -2.05 -18.32
N GLY B 29 -12.74 -1.39 -19.48
CA GLY B 29 -12.44 -2.11 -20.73
C GLY B 29 -10.95 -2.28 -20.89
PB ADP C . 1.08 -8.24 10.40
O1B ADP C . 2.12 -8.90 9.54
O2B ADP C . 0.18 -9.22 11.11
O3B ADP C . 0.32 -7.16 9.68
PA ADP C . 1.84 -5.98 12.09
O1A ADP C . 2.28 -5.10 10.97
O2A ADP C . 0.49 -5.74 12.68
O3A ADP C . 1.89 -7.50 11.57
O5' ADP C . 2.96 -5.98 13.23
C5' ADP C . 2.66 -6.39 14.58
C4' ADP C . 3.78 -5.94 15.47
O4' ADP C . 3.84 -4.50 15.46
C3' ADP C . 3.69 -6.36 16.95
O3' ADP C . 4.95 -6.84 17.42
C2' ADP C . 3.33 -5.05 17.66
O2' ADP C . 3.76 -5.00 18.99
C1' ADP C . 4.04 -4.02 16.78
N9 ADP C . 3.47 -2.70 16.91
C8 ADP C . 2.20 -2.32 16.55
N7 ADP C . 1.93 -1.07 16.82
C5 ADP C . 3.09 -0.58 17.38
C6 ADP C . 3.45 0.68 17.87
N6 ADP C . 2.63 1.74 17.87
N1 ADP C . 4.70 0.84 18.37
C2 ADP C . 5.51 -0.22 18.38
N3 ADP C . 5.29 -1.45 17.94
C4 ADP C . 4.05 -1.58 17.45
MG MG D . -1.65 -6.84 9.31
C6 RF6 E . -16.78 3.72 -8.71
C7 RF6 E . -16.53 5.27 -9.03
N1 RF6 E . -18.93 2.79 -8.16
C2 RF6 E . -18.97 3.86 -5.65
N2 RF6 E . -21.10 2.09 -7.81
C4 RF6 E . -17.87 3.46 -7.70
N RF6 E . -20.07 3.21 -6.09
C RF6 E . -20.28 5.36 -4.05
C1 RF6 E . -19.06 4.48 -4.26
C3 RF6 E . -20.00 2.69 -7.34
C5 RF6 E . -17.85 4.01 -6.43
#